data_7GA0
#
_entry.id   7GA0
#
_cell.length_a   53.638
_cell.length_b   70.002
_cell.length_c   57.690
_cell.angle_alpha   90.000
_cell.angle_beta   92.660
_cell.angle_gamma   90.000
#
_symmetry.space_group_name_H-M   'P 1 21 1'
#
loop_
_entity.id
_entity.type
_entity.pdbx_description
1 polymer 'Serine protease NS3'
2 non-polymer 1,2-ETHANEDIOL
3 non-polymer 'PHOSPHATE ION'
4 non-polymer (4S)-2-METHYL-2,4-PENTANEDIOL
5 non-polymer (3R)-3-[1-methyl-4-(trifluoromethyl)-1H-imidazol-2-yl]piperidine
6 water water
#
_entity_poly.entity_id   1
_entity_poly.type   'polypeptide(L)'
_entity_poly.pdbx_seq_one_letter_code
;MLKKKQLTVLDLHPGAGKTRRVLPEIVREAIKKRLRTVILAPTRVVAAEMEEALRGLPVRYMTTAVNVTHSGTEIVDLMC
HATFTSRLLQPIRVPNYNLNIMDEAHFTDPSSIAARGYISTRVEMGEAAAIFMTATPPGTRDAFPDSNSPIMDTEVEVPE
RAWSSGFDWVTDHSGKTVWFVPSVRNGNEIAACLTKAGKRVIQLSRKTFETEFQKTKNQEWDFVITTDISEMGANFKADR
VIDSRRCLKPVILDGERVILAGPMPVTHASAAQRRGRIGRNPNKPGDEYMYGGGCAETDEGHAHWLEARMLLDNIYLQDG
LIASLYRPEADKVAAIEGEFKLRTEQRKTFVELMKRGDLPVWLAYQVASAGITYTDRRWCFDGTTNNTIMEDSVPAEVWT
KYGEKRVLKPRWMDARVCSDHAALKSFKEFAAGKR
;
_entity_poly.pdbx_strand_id   A
#
# COMPACT_ATOMS: atom_id res chain seq x y z
N MET A 1 -23.57 -0.84 -15.99
CA MET A 1 -22.11 -0.74 -16.15
C MET A 1 -21.42 -2.09 -16.37
N LEU A 2 -22.19 -3.21 -16.42
CA LEU A 2 -21.60 -4.55 -16.55
C LEU A 2 -21.45 -5.02 -18.00
N LYS A 3 -21.44 -4.08 -18.96
CA LYS A 3 -21.22 -4.36 -20.38
C LYS A 3 -19.73 -4.43 -20.65
N LYS A 4 -19.31 -5.35 -21.54
CA LYS A 4 -17.88 -5.48 -21.87
C LYS A 4 -17.29 -4.17 -22.48
N LYS A 5 -15.94 -4.09 -22.56
CA LYS A 5 -15.19 -2.94 -23.06
C LYS A 5 -15.47 -1.65 -22.29
N GLN A 6 -15.82 -1.72 -21.00
CA GLN A 6 -16.08 -0.50 -20.24
C GLN A 6 -15.49 -0.49 -18.84
N LEU A 7 -14.76 0.60 -18.52
CA LEU A 7 -14.21 0.83 -17.21
C LEU A 7 -15.04 1.94 -16.56
N THR A 8 -15.62 1.65 -15.40
CA THR A 8 -16.43 2.61 -14.67
C THR A 8 -15.68 3.02 -13.43
N VAL A 9 -15.63 4.32 -13.13
CA VAL A 9 -15.01 4.80 -11.91
C VAL A 9 -16.13 5.18 -10.94
N LEU A 10 -16.26 4.45 -9.84
CA LEU A 10 -17.27 4.68 -8.81
C LEU A 10 -16.62 5.60 -7.76
N ASP A 11 -16.83 6.91 -7.92
CA ASP A 11 -16.20 7.93 -7.11
C ASP A 11 -17.08 8.54 -6.01
N LEU A 12 -17.91 7.73 -5.34
CA LEU A 12 -18.72 8.24 -4.23
C LEU A 12 -17.79 8.65 -3.07
N HIS A 13 -18.14 9.73 -2.36
CA HIS A 13 -17.38 10.26 -1.22
C HIS A 13 -17.07 9.20 -0.12
N PRO A 14 -16.01 9.39 0.71
CA PRO A 14 -15.74 8.40 1.78
C PRO A 14 -16.93 8.24 2.73
N GLY A 15 -17.27 6.99 3.01
CA GLY A 15 -18.40 6.66 3.89
C GLY A 15 -19.74 6.57 3.19
N ALA A 16 -19.79 6.74 1.85
CA ALA A 16 -21.06 6.63 1.11
C ALA A 16 -21.62 5.21 1.00
N GLY A 17 -20.81 4.21 1.32
CA GLY A 17 -21.27 2.82 1.26
C GLY A 17 -20.88 2.08 0.00
N LYS A 18 -19.74 2.43 -0.60
CA LYS A 18 -19.26 1.73 -1.80
C LYS A 18 -19.05 0.23 -1.51
N THR A 19 -18.43 -0.09 -0.39
CA THR A 19 -18.08 -1.45 -0.01
C THR A 19 -19.25 -2.26 0.60
N ARG A 20 -20.11 -1.64 1.44
CA ARG A 20 -21.20 -2.39 2.07
C ARG A 20 -22.55 -2.32 1.36
N ARG A 21 -22.77 -1.34 0.47
CA ARG A 21 -24.06 -1.23 -0.23
C ARG A 21 -23.94 -1.50 -1.73
N VAL A 22 -23.03 -0.81 -2.43
CA VAL A 22 -22.91 -0.96 -3.87
C VAL A 22 -22.25 -2.28 -4.26
N LEU A 23 -21.16 -2.65 -3.58
CA LEU A 23 -20.46 -3.90 -3.90
C LEU A 23 -21.37 -5.18 -3.88
N PRO A 24 -22.22 -5.44 -2.85
CA PRO A 24 -23.10 -6.63 -2.92
C PRO A 24 -24.07 -6.63 -4.13
N GLU A 25 -24.62 -5.46 -4.48
CA GLU A 25 -25.50 -5.32 -5.63
C GLU A 25 -24.79 -5.68 -6.95
N ILE A 26 -23.54 -5.18 -7.13
CA ILE A 26 -22.73 -5.48 -8.32
C ILE A 26 -22.50 -7.00 -8.40
N VAL A 27 -22.12 -7.61 -7.26
CA VAL A 27 -21.87 -9.05 -7.16
C VAL A 27 -23.13 -9.87 -7.51
N ARG A 28 -24.31 -9.44 -7.04
CA ARG A 28 -25.57 -10.13 -7.37
C ARG A 28 -25.82 -10.09 -8.87
N GLU A 29 -25.67 -8.91 -9.48
CA GLU A 29 -25.85 -8.74 -10.93
C GLU A 29 -24.84 -9.61 -11.71
N ALA A 30 -23.58 -9.61 -11.29
CA ALA A 30 -22.55 -10.40 -11.96
C ALA A 30 -22.85 -11.92 -11.92
N ILE A 31 -23.31 -12.41 -10.76
CA ILE A 31 -23.66 -13.81 -10.58
C ILE A 31 -24.90 -14.12 -11.44
N LYS A 32 -25.92 -13.26 -11.44
CA LYS A 32 -27.12 -13.40 -12.28
C LYS A 32 -26.74 -13.48 -13.77
N LYS A 33 -25.74 -12.70 -14.21
CA LYS A 33 -25.33 -12.70 -15.63
C LYS A 33 -24.24 -13.69 -15.97
N ARG A 34 -23.82 -14.54 -15.01
CA ARG A 34 -22.77 -15.54 -15.17
C ARG A 34 -21.44 -14.95 -15.61
N LEU A 35 -21.05 -13.87 -14.96
CA LEU A 35 -19.78 -13.22 -15.25
C LEU A 35 -18.74 -13.75 -14.28
N ARG A 36 -17.65 -14.32 -14.79
CA ARG A 36 -16.54 -14.74 -13.95
C ARG A 36 -15.91 -13.43 -13.37
N THR A 37 -16.00 -13.26 -12.04
CA THR A 37 -15.64 -11.99 -11.42
C THR A 37 -14.52 -12.03 -10.40
N VAL A 38 -13.65 -11.00 -10.40
CA VAL A 38 -12.63 -10.88 -9.38
C VAL A 38 -12.90 -9.62 -8.57
N ILE A 39 -12.81 -9.73 -7.23
CA ILE A 39 -12.95 -8.64 -6.30
C ILE A 39 -11.56 -8.45 -5.65
N LEU A 40 -10.99 -7.26 -5.81
CA LEU A 40 -9.65 -6.95 -5.32
C LEU A 40 -9.66 -6.01 -4.11
N ALA A 41 -9.26 -6.53 -2.94
CA ALA A 41 -9.15 -5.83 -1.65
C ALA A 41 -7.70 -5.31 -1.43
N PRO A 42 -7.47 -4.08 -0.93
CA PRO A 42 -6.09 -3.60 -0.74
C PRO A 42 -5.32 -4.35 0.35
N THR A 43 -6.03 -4.69 1.45
CA THR A 43 -5.47 -5.33 2.64
C THR A 43 -6.37 -6.49 3.14
N ARG A 44 -5.86 -7.27 4.10
CA ARG A 44 -6.61 -8.36 4.68
CA ARG A 44 -6.60 -8.36 4.71
C ARG A 44 -7.76 -7.85 5.58
N VAL A 45 -7.64 -6.64 6.14
CA VAL A 45 -8.67 -6.05 6.97
C VAL A 45 -9.88 -5.66 6.11
N VAL A 46 -9.63 -5.12 4.89
CA VAL A 46 -10.73 -4.78 3.98
C VAL A 46 -11.37 -6.07 3.42
N ALA A 47 -10.58 -7.13 3.19
CA ALA A 47 -11.12 -8.42 2.73
C ALA A 47 -12.10 -9.01 3.76
N ALA A 48 -11.78 -8.90 5.06
CA ALA A 48 -12.61 -9.38 6.17
C ALA A 48 -13.89 -8.58 6.26
N GLU A 49 -13.84 -7.26 6.02
CA GLU A 49 -15.05 -6.44 6.02
C GLU A 49 -15.92 -6.76 4.79
N MET A 50 -15.30 -7.05 3.66
CA MET A 50 -15.97 -7.44 2.42
C MET A 50 -16.72 -8.75 2.65
N GLU A 51 -16.13 -9.72 3.39
CA GLU A 51 -16.83 -10.96 3.69
C GLU A 51 -18.11 -10.69 4.48
N GLU A 52 -18.05 -9.77 5.47
CA GLU A 52 -19.25 -9.44 6.25
C GLU A 52 -20.35 -8.84 5.36
N ALA A 53 -19.98 -7.95 4.43
CA ALA A 53 -20.96 -7.33 3.53
C ALA A 53 -21.47 -8.29 2.44
N LEU A 54 -20.67 -9.29 2.07
CA LEU A 54 -21.07 -10.25 1.04
C LEU A 54 -21.54 -11.61 1.61
N ARG A 55 -21.68 -11.72 2.96
CA ARG A 55 -22.05 -12.95 3.63
C ARG A 55 -23.30 -13.59 3.07
N GLY A 56 -23.17 -14.83 2.61
CA GLY A 56 -24.29 -15.56 2.03
C GLY A 56 -24.11 -15.82 0.55
N LEU A 57 -23.67 -14.78 -0.20
CA LEU A 57 -23.41 -14.84 -1.63
C LEU A 57 -22.27 -15.85 -1.88
N PRO A 58 -22.29 -16.56 -3.02
CA PRO A 58 -21.22 -17.52 -3.29
C PRO A 58 -19.94 -16.83 -3.79
N VAL A 59 -19.03 -16.53 -2.87
CA VAL A 59 -17.75 -15.90 -3.19
C VAL A 59 -16.63 -16.82 -2.68
N ARG A 60 -15.65 -17.07 -3.54
CA ARG A 60 -14.49 -17.87 -3.19
C ARG A 60 -13.45 -16.89 -2.65
N TYR A 61 -13.08 -17.05 -1.39
CA TYR A 61 -12.13 -16.17 -0.72
C TYR A 61 -10.76 -16.75 -0.77
N MET A 62 -9.93 -16.22 -1.67
CA MET A 62 -8.55 -16.64 -1.86
C MET A 62 -7.66 -15.78 -1.00
N THR A 63 -7.94 -15.82 0.32
CA THR A 63 -7.21 -15.10 1.35
C THR A 63 -7.30 -15.83 2.69
N THR A 64 -6.24 -15.73 3.51
CA THR A 64 -6.28 -16.32 4.85
C THR A 64 -6.87 -15.36 5.92
N ALA A 65 -7.42 -14.22 5.49
CA ALA A 65 -8.10 -13.28 6.37
C ALA A 65 -9.53 -13.79 6.72
N VAL A 66 -10.06 -14.78 5.97
CA VAL A 66 -11.38 -15.33 6.14
C VAL A 66 -11.30 -16.86 6.26
N ASN A 67 -11.96 -17.44 7.26
CA ASN A 67 -11.96 -18.89 7.46
C ASN A 67 -13.30 -19.41 6.93
N VAL A 68 -13.47 -19.44 5.59
CA VAL A 68 -14.70 -19.94 5.01
C VAL A 68 -14.48 -21.19 4.17
N THR A 69 -15.43 -22.11 4.27
CA THR A 69 -15.43 -23.38 3.53
C THR A 69 -16.00 -23.13 2.11
N HIS A 70 -15.13 -23.17 1.07
CA HIS A 70 -15.59 -22.98 -0.30
C HIS A 70 -16.24 -24.22 -0.93
N SER A 71 -17.50 -24.06 -1.38
CA SER A 71 -18.34 -25.11 -1.95
C SER A 71 -17.97 -25.64 -3.36
N GLY A 72 -17.10 -24.94 -4.07
CA GLY A 72 -16.73 -25.34 -5.43
C GLY A 72 -17.70 -24.89 -6.51
N THR A 73 -18.72 -24.10 -6.16
CA THR A 73 -19.71 -23.58 -7.12
C THR A 73 -19.57 -22.05 -7.37
N GLU A 74 -18.51 -21.42 -6.86
CA GLU A 74 -18.34 -19.98 -6.99
C GLU A 74 -17.73 -19.52 -8.32
N ILE A 75 -18.32 -18.50 -8.96
CA ILE A 75 -17.72 -17.86 -10.14
C ILE A 75 -17.15 -16.44 -9.80
N VAL A 76 -17.14 -16.06 -8.51
CA VAL A 76 -16.63 -14.79 -8.03
C VAL A 76 -15.50 -15.09 -7.05
N ASP A 77 -14.30 -14.57 -7.31
CA ASP A 77 -13.12 -14.74 -6.47
C ASP A 77 -12.77 -13.43 -5.77
N LEU A 78 -12.33 -13.49 -4.53
CA LEU A 78 -11.91 -12.32 -3.79
C LEU A 78 -10.48 -12.54 -3.30
N MET A 79 -9.57 -11.61 -3.64
CA MET A 79 -8.17 -11.64 -3.21
C MET A 79 -7.61 -10.19 -3.03
N CYS A 80 -6.43 -10.07 -2.44
CA CYS A 80 -5.76 -8.78 -2.30
C CYS A 80 -5.22 -8.30 -3.65
N HIS A 81 -5.00 -6.99 -3.80
CA HIS A 81 -4.38 -6.42 -5.02
C HIS A 81 -3.03 -7.10 -5.30
N ALA A 82 -2.17 -7.29 -4.26
CA ALA A 82 -0.85 -7.96 -4.36
C ALA A 82 -0.95 -9.42 -4.79
N THR A 83 -1.95 -10.17 -4.30
CA THR A 83 -2.14 -11.57 -4.66
C THR A 83 -2.48 -11.71 -6.15
N PHE A 84 -3.33 -10.80 -6.66
CA PHE A 84 -3.69 -10.80 -8.08
C PHE A 84 -2.43 -10.65 -8.96
N THR A 85 -1.63 -9.58 -8.70
CA THR A 85 -0.38 -9.29 -9.41
C THR A 85 0.65 -10.41 -9.23
N SER A 86 0.72 -10.99 -8.01
CA SER A 86 1.63 -12.10 -7.68
C SER A 86 1.32 -13.33 -8.52
N ARG A 87 0.04 -13.73 -8.61
CA ARG A 87 -0.35 -14.90 -9.38
C ARG A 87 -0.16 -14.66 -10.88
N LEU A 88 -0.34 -13.40 -11.36
CA LEU A 88 -0.09 -13.04 -12.76
C LEU A 88 1.42 -13.23 -13.09
N LEU A 89 2.31 -12.86 -12.16
CA LEU A 89 3.77 -13.00 -12.34
C LEU A 89 4.26 -14.45 -12.30
N GLN A 90 3.64 -15.28 -11.43
CA GLN A 90 3.97 -16.70 -11.27
C GLN A 90 3.42 -17.58 -12.42
N PRO A 91 4.00 -18.78 -12.66
CA PRO A 91 3.48 -19.65 -13.75
C PRO A 91 2.03 -20.15 -13.56
N ILE A 92 1.42 -19.93 -12.38
CA ILE A 92 0.02 -20.28 -12.12
C ILE A 92 -0.88 -19.55 -13.11
N ARG A 93 -1.81 -20.26 -13.73
CA ARG A 93 -2.74 -19.67 -14.70
C ARG A 93 -3.80 -18.88 -13.95
N VAL A 94 -4.01 -17.64 -14.35
CA VAL A 94 -5.04 -16.79 -13.74
C VAL A 94 -6.20 -16.74 -14.70
N PRO A 95 -7.43 -17.01 -14.25
CA PRO A 95 -8.57 -16.95 -15.18
C PRO A 95 -8.73 -15.57 -15.82
N ASN A 96 -9.26 -15.52 -17.05
CA ASN A 96 -9.49 -14.23 -17.71
C ASN A 96 -10.87 -13.71 -17.31
N TYR A 97 -10.95 -13.09 -16.12
CA TYR A 97 -12.18 -12.53 -15.56
C TYR A 97 -12.90 -11.58 -16.48
N ASN A 98 -14.23 -11.78 -16.64
CA ASN A 98 -15.09 -10.94 -17.48
C ASN A 98 -15.32 -9.57 -16.80
N LEU A 99 -15.41 -9.59 -15.47
CA LEU A 99 -15.61 -8.41 -14.64
C LEU A 99 -14.49 -8.32 -13.57
N ASN A 100 -13.81 -7.16 -13.51
CA ASN A 100 -12.72 -6.89 -12.57
C ASN A 100 -13.10 -5.72 -11.65
N ILE A 101 -13.33 -5.98 -10.36
CA ILE A 101 -13.72 -4.94 -9.42
C ILE A 101 -12.56 -4.66 -8.48
N MET A 102 -12.08 -3.40 -8.44
CA MET A 102 -11.01 -3.07 -7.51
C MET A 102 -11.51 -2.10 -6.46
N ASP A 103 -11.56 -2.53 -5.18
CA ASP A 103 -11.91 -1.62 -4.10
C ASP A 103 -10.63 -0.86 -3.70
N GLU A 104 -10.79 0.43 -3.26
CA GLU A 104 -9.72 1.37 -2.89
C GLU A 104 -8.73 1.48 -4.02
N ALA A 105 -9.27 1.71 -5.22
CA ALA A 105 -8.50 1.80 -6.44
C ALA A 105 -7.53 3.00 -6.53
N HIS A 106 -7.37 3.76 -5.42
CA HIS A 106 -6.40 4.85 -5.36
C HIS A 106 -5.03 4.34 -4.76
N PHE A 107 -4.97 3.12 -4.19
CA PHE A 107 -3.74 2.58 -3.57
C PHE A 107 -2.52 2.68 -4.51
N THR A 108 -1.44 3.29 -4.02
CA THR A 108 -0.24 3.56 -4.82
C THR A 108 0.92 2.59 -4.58
N ASP A 109 0.68 1.41 -3.99
CA ASP A 109 1.74 0.41 -3.86
C ASP A 109 2.02 -0.15 -5.28
N PRO A 110 3.28 -0.49 -5.62
CA PRO A 110 3.59 -0.98 -6.97
C PRO A 110 2.66 -2.05 -7.54
N SER A 111 2.25 -3.05 -6.74
CA SER A 111 1.36 -4.12 -7.22
C SER A 111 -0.07 -3.63 -7.50
N SER A 112 -0.53 -2.57 -6.83
CA SER A 112 -1.87 -2.01 -7.10
C SER A 112 -1.84 -1.21 -8.40
N ILE A 113 -0.75 -0.46 -8.65
CA ILE A 113 -0.61 0.29 -9.90
C ILE A 113 -0.54 -0.72 -11.07
N ALA A 114 0.28 -1.81 -10.92
CA ALA A 114 0.40 -2.85 -11.95
C ALA A 114 -0.98 -3.54 -12.19
N ALA A 115 -1.74 -3.88 -11.12
CA ALA A 115 -3.06 -4.48 -11.31
C ALA A 115 -4.00 -3.56 -12.15
N ARG A 116 -4.03 -2.22 -11.86
CA ARG A 116 -4.84 -1.25 -12.61
C ARG A 116 -4.45 -1.14 -14.07
N GLY A 117 -3.16 -1.28 -14.35
CA GLY A 117 -2.66 -1.19 -15.71
C GLY A 117 -3.00 -2.43 -16.52
N TYR A 118 -2.88 -3.61 -15.90
CA TYR A 118 -3.22 -4.88 -16.55
C TYR A 118 -4.73 -4.92 -16.83
N ILE A 119 -5.56 -4.54 -15.84
CA ILE A 119 -7.01 -4.56 -15.99
C ILE A 119 -7.50 -3.54 -17.04
N SER A 120 -7.01 -2.29 -16.98
CA SER A 120 -7.40 -1.26 -17.95
C SER A 120 -6.96 -1.59 -19.39
N THR A 121 -5.79 -2.26 -19.58
CA THR A 121 -5.37 -2.65 -20.92
C THR A 121 -6.33 -3.70 -21.49
N ARG A 122 -6.77 -4.68 -20.67
CA ARG A 122 -7.73 -5.69 -21.12
C ARG A 122 -9.04 -5.05 -21.54
N VAL A 123 -9.48 -3.99 -20.83
CA VAL A 123 -10.71 -3.27 -21.11
C VAL A 123 -10.54 -2.48 -22.43
N GLU A 124 -9.38 -1.80 -22.60
CA GLU A 124 -9.03 -1.05 -23.81
C GLU A 124 -9.07 -1.99 -25.02
N MET A 125 -8.54 -3.23 -24.86
CA MET A 125 -8.57 -4.28 -25.89
C MET A 125 -10.00 -4.83 -26.17
N GLY A 126 -10.98 -4.43 -25.38
CA GLY A 126 -12.37 -4.91 -25.50
C GLY A 126 -12.57 -6.32 -24.98
N GLU A 127 -11.68 -6.81 -24.12
CA GLU A 127 -11.74 -8.18 -23.60
C GLU A 127 -12.42 -8.34 -22.24
N ALA A 128 -12.71 -7.26 -21.52
CA ALA A 128 -13.27 -7.34 -20.18
C ALA A 128 -13.93 -6.02 -19.75
N ALA A 129 -14.69 -6.03 -18.67
CA ALA A 129 -15.30 -4.86 -18.04
C ALA A 129 -14.57 -4.65 -16.69
N ALA A 130 -14.64 -3.42 -16.15
CA ALA A 130 -13.97 -3.15 -14.89
C ALA A 130 -14.63 -2.04 -14.12
N ILE A 131 -14.55 -2.11 -12.79
CA ILE A 131 -15.06 -1.06 -11.94
C ILE A 131 -13.95 -0.69 -10.94
N PHE A 132 -13.61 0.60 -10.83
CA PHE A 132 -12.58 1.05 -9.89
C PHE A 132 -13.29 1.84 -8.81
N MET A 133 -13.31 1.33 -7.58
CA MET A 133 -14.00 1.98 -6.49
C MET A 133 -13.04 2.82 -5.64
N THR A 134 -13.25 4.14 -5.61
CA THR A 134 -12.51 5.09 -4.78
C THR A 134 -13.13 6.49 -4.77
N ALA A 135 -13.13 7.10 -3.60
CA ALA A 135 -13.53 8.48 -3.45
C ALA A 135 -12.50 9.40 -4.15
N THR A 136 -11.23 8.97 -4.28
CA THR A 136 -10.16 9.79 -4.84
C THR A 136 -9.48 9.11 -6.04
N PRO A 137 -10.15 9.08 -7.22
CA PRO A 137 -9.54 8.44 -8.39
C PRO A 137 -8.21 9.07 -8.80
N PRO A 138 -7.32 8.29 -9.45
CA PRO A 138 -6.04 8.89 -9.91
C PRO A 138 -6.30 10.13 -10.77
N GLY A 139 -5.76 11.27 -10.33
CA GLY A 139 -5.97 12.55 -10.98
C GLY A 139 -6.90 13.48 -10.21
N THR A 140 -7.06 13.27 -8.89
CA THR A 140 -7.95 14.12 -8.08
C THR A 140 -7.20 15.26 -7.43
N ARG A 141 -7.82 16.43 -7.41
CA ARG A 141 -7.22 17.61 -6.79
C ARG A 141 -8.07 18.14 -5.64
N ASP A 142 -9.03 17.36 -5.12
CA ASP A 142 -9.88 17.81 -4.02
C ASP A 142 -9.54 17.06 -2.73
N ALA A 143 -8.91 17.75 -1.78
CA ALA A 143 -8.56 17.15 -0.50
C ALA A 143 -9.70 17.26 0.53
N PHE A 144 -10.78 18.02 0.23
CA PHE A 144 -11.92 18.16 1.14
C PHE A 144 -13.24 17.65 0.53
N PRO A 145 -13.38 16.35 0.20
CA PRO A 145 -14.64 15.86 -0.38
C PRO A 145 -15.82 15.82 0.59
N ASP A 146 -17.02 15.48 0.10
CA ASP A 146 -18.21 15.39 0.95
C ASP A 146 -18.06 14.30 2.03
N SER A 147 -18.82 14.42 3.11
CA SER A 147 -18.84 13.42 4.18
C SER A 147 -20.28 13.17 4.70
N ASN A 148 -20.49 12.12 5.50
CA ASN A 148 -21.81 11.79 6.04
C ASN A 148 -22.31 12.88 7.02
N SER A 149 -21.38 13.51 7.75
CA SER A 149 -21.68 14.62 8.66
C SER A 149 -20.63 15.70 8.49
N PRO A 150 -21.00 16.97 8.79
CA PRO A 150 -20.03 18.07 8.64
C PRO A 150 -18.79 17.88 9.52
N ILE A 151 -17.62 18.31 8.99
CA ILE A 151 -16.31 18.22 9.64
C ILE A 151 -15.75 19.63 9.89
N MET A 152 -15.10 19.86 11.04
CA MET A 152 -14.44 21.14 11.30
C MET A 152 -13.03 21.00 10.72
N ASP A 153 -12.71 21.73 9.66
CA ASP A 153 -11.37 21.70 9.08
C ASP A 153 -10.56 22.81 9.70
N THR A 154 -9.35 22.52 10.18
CA THR A 154 -8.52 23.53 10.83
C THR A 154 -7.05 23.41 10.43
N GLU A 155 -6.54 24.44 9.76
CA GLU A 155 -5.15 24.49 9.37
C GLU A 155 -4.41 24.92 10.61
N VAL A 156 -3.51 24.09 11.13
CA VAL A 156 -2.75 24.39 12.35
C VAL A 156 -1.32 23.80 12.28
N GLU A 157 -0.34 24.33 13.08
CA GLU A 157 1.01 23.75 13.12
C GLU A 157 0.92 22.45 13.93
N VAL A 158 1.29 21.33 13.30
CA VAL A 158 1.21 20.01 13.91
C VAL A 158 2.60 19.57 14.30
N PRO A 159 2.78 19.14 15.57
CA PRO A 159 4.11 18.68 15.98
C PRO A 159 4.55 17.43 15.22
N GLU A 160 5.81 17.42 14.77
CA GLU A 160 6.43 16.26 14.12
C GLU A 160 7.56 15.66 14.95
N ARG A 161 7.75 16.14 16.19
CA ARG A 161 8.74 15.65 17.14
C ARG A 161 8.08 15.70 18.54
N ALA A 162 8.73 15.15 19.57
CA ALA A 162 8.24 15.27 20.95
C ALA A 162 8.24 16.77 21.36
N TRP A 163 7.33 17.17 22.26
CA TRP A 163 7.22 18.57 22.65
C TRP A 163 7.02 18.72 24.16
N SER A 164 7.53 19.81 24.72
CA SER A 164 7.36 20.14 26.14
C SER A 164 6.28 21.20 26.32
N SER A 165 6.07 22.07 25.32
CA SER A 165 5.08 23.14 25.38
C SER A 165 4.65 23.59 23.95
N GLY A 166 3.65 24.47 23.89
CA GLY A 166 3.20 25.03 22.64
C GLY A 166 2.10 24.32 21.87
N PHE A 167 1.68 23.12 22.31
CA PHE A 167 0.63 22.39 21.58
C PHE A 167 -0.48 21.84 22.50
N ASP A 168 -1.02 22.71 23.38
CA ASP A 168 -2.05 22.32 24.35
C ASP A 168 -3.27 21.66 23.72
N TRP A 169 -3.68 22.12 22.53
CA TRP A 169 -4.85 21.59 21.82
C TRP A 169 -4.76 20.08 21.53
N VAL A 170 -3.53 19.54 21.43
CA VAL A 170 -3.31 18.12 21.16
C VAL A 170 -3.70 17.25 22.36
N THR A 171 -3.15 17.53 23.55
CA THR A 171 -3.42 16.74 24.75
C THR A 171 -4.68 17.16 25.52
N ASP A 172 -5.20 18.38 25.33
CA ASP A 172 -6.43 18.80 26.00
C ASP A 172 -7.64 18.36 25.18
N HIS A 173 -7.72 17.08 24.86
CA HIS A 173 -8.82 16.53 24.09
C HIS A 173 -9.36 15.31 24.84
N SER A 174 -10.69 15.19 24.98
CA SER A 174 -11.27 14.06 25.73
C SER A 174 -11.83 12.93 24.86
N GLY A 175 -11.54 12.94 23.57
CA GLY A 175 -12.05 11.92 22.66
C GLY A 175 -10.97 11.03 22.10
N LYS A 176 -11.23 10.39 20.97
CA LYS A 176 -10.26 9.53 20.30
C LYS A 176 -9.65 10.21 19.04
N THR A 177 -8.33 10.13 18.88
CA THR A 177 -7.65 10.78 17.75
C THR A 177 -6.87 9.80 16.89
N VAL A 178 -6.99 9.95 15.56
CA VAL A 178 -6.19 9.19 14.61
C VAL A 178 -5.15 10.21 14.06
N TRP A 179 -3.86 9.91 14.23
CA TRP A 179 -2.77 10.79 13.84
C TRP A 179 -1.91 10.17 12.73
N PHE A 180 -1.90 10.79 11.56
CA PHE A 180 -1.08 10.33 10.44
C PHE A 180 0.31 10.96 10.46
N VAL A 181 1.35 10.11 10.52
CA VAL A 181 2.73 10.54 10.53
C VAL A 181 3.43 10.02 9.25
N PRO A 182 4.53 10.67 8.82
CA PRO A 182 5.23 10.19 7.60
C PRO A 182 6.03 8.87 7.73
N SER A 183 6.40 8.44 8.95
CA SER A 183 7.22 7.23 9.11
C SER A 183 7.03 6.56 10.46
N VAL A 184 7.42 5.26 10.55
CA VAL A 184 7.36 4.50 11.80
C VAL A 184 8.24 5.17 12.86
N ARG A 185 9.48 5.55 12.49
CA ARG A 185 10.42 6.20 13.40
C ARG A 185 9.84 7.52 13.95
N ASN A 186 9.17 8.34 13.10
CA ASN A 186 8.53 9.57 13.59
CA ASN A 186 8.50 9.58 13.53
C ASN A 186 7.34 9.24 14.51
N GLY A 187 6.58 8.21 14.16
CA GLY A 187 5.46 7.78 14.98
C GLY A 187 5.87 7.34 16.37
N ASN A 188 7.05 6.62 16.50
CA ASN A 188 7.59 6.14 17.79
C ASN A 188 7.85 7.29 18.76
N GLU A 189 8.48 8.38 18.28
CA GLU A 189 8.80 9.57 19.09
C GLU A 189 7.55 10.31 19.57
N ILE A 190 6.59 10.53 18.67
CA ILE A 190 5.33 11.17 19.05
C ILE A 190 4.56 10.28 20.03
N ALA A 191 4.51 8.96 19.78
CA ALA A 191 3.81 8.04 20.68
C ALA A 191 4.43 8.02 22.06
N ALA A 192 5.78 7.98 22.15
CA ALA A 192 6.49 8.02 23.42
C ALA A 192 6.20 9.31 24.19
N CYS A 193 6.06 10.44 23.46
CA CYS A 193 5.73 11.73 24.05
C CYS A 193 4.31 11.71 24.62
N LEU A 194 3.35 11.12 23.89
CA LEU A 194 1.96 11.00 24.35
C LEU A 194 1.84 10.03 25.54
N THR A 195 2.56 8.89 25.50
CA THR A 195 2.56 7.90 26.60
C THR A 195 3.14 8.52 27.88
N LYS A 196 4.20 9.31 27.75
CA LYS A 196 4.79 10.00 28.91
C LYS A 196 3.76 10.92 29.59
N ALA A 197 2.87 11.55 28.79
CA ALA A 197 1.80 12.43 29.28
C ALA A 197 0.53 11.69 29.74
N GLY A 198 0.64 10.39 29.96
CA GLY A 198 -0.48 9.57 30.43
C GLY A 198 -1.49 9.15 29.38
N LYS A 199 -1.11 9.09 28.09
CA LYS A 199 -2.06 8.69 27.05
C LYS A 199 -1.92 7.24 26.61
N ARG A 200 -3.05 6.63 26.23
CA ARG A 200 -3.11 5.25 25.74
C ARG A 200 -2.93 5.28 24.23
N VAL A 201 -1.78 4.81 23.75
CA VAL A 201 -1.45 4.91 22.34
C VAL A 201 -1.24 3.58 21.66
N ILE A 202 -1.87 3.39 20.51
CA ILE A 202 -1.64 2.23 19.66
C ILE A 202 -0.93 2.73 18.39
N GLN A 203 0.08 2.00 17.89
CA GLN A 203 0.78 2.41 16.67
C GLN A 203 0.54 1.41 15.54
N LEU A 204 0.24 1.89 14.33
CA LEU A 204 -0.02 1.03 13.18
C LEU A 204 0.96 1.33 12.07
N SER A 205 1.38 0.28 11.36
CA SER A 205 2.28 0.40 10.21
C SER A 205 2.03 -0.77 9.26
N ARG A 206 2.56 -0.73 8.03
CA ARG A 206 2.39 -1.80 7.05
C ARG A 206 2.74 -3.18 7.59
N LYS A 207 3.87 -3.33 8.31
CA LYS A 207 4.27 -4.63 8.83
C LYS A 207 3.48 -5.10 10.06
N THR A 208 2.99 -4.18 10.89
CA THR A 208 2.28 -4.56 12.12
C THR A 208 0.76 -4.31 12.08
N PHE A 209 0.20 -4.07 10.89
CA PHE A 209 -1.21 -3.70 10.72
C PHE A 209 -2.23 -4.72 11.24
N GLU A 210 -2.12 -6.00 10.85
CA GLU A 210 -3.10 -7.01 11.26
C GLU A 210 -3.24 -7.17 12.77
N THR A 211 -2.13 -7.30 13.50
CA THR A 211 -2.17 -7.51 14.95
C THR A 211 -2.67 -6.28 15.74
N GLU A 212 -2.07 -5.12 15.48
CA GLU A 212 -2.36 -3.90 16.20
C GLU A 212 -3.71 -3.29 15.86
N PHE A 213 -4.19 -3.42 14.61
CA PHE A 213 -5.51 -2.87 14.26
C PHE A 213 -6.62 -3.49 15.10
N GLN A 214 -6.49 -4.80 15.39
CA GLN A 214 -7.44 -5.54 16.24
C GLN A 214 -7.56 -4.89 17.63
N LYS A 215 -6.46 -4.29 18.13
CA LYS A 215 -6.46 -3.61 19.44
C LYS A 215 -7.36 -2.38 19.46
N THR A 216 -7.59 -1.74 18.29
CA THR A 216 -8.46 -0.56 18.20
C THR A 216 -9.95 -0.91 18.44
N LYS A 217 -10.32 -2.20 18.30
CA LYS A 217 -11.67 -2.71 18.51
C LYS A 217 -11.77 -3.57 19.80
N ASN A 218 -10.62 -4.02 20.34
CA ASN A 218 -10.52 -4.88 21.52
C ASN A 218 -10.32 -4.10 22.82
N GLN A 219 -9.67 -2.94 22.76
CA GLN A 219 -9.41 -2.15 23.98
C GLN A 219 -9.63 -0.66 23.78
N GLU A 220 -9.70 0.08 24.90
CA GLU A 220 -9.86 1.53 24.88
C GLU A 220 -8.50 2.18 24.57
N TRP A 221 -8.54 3.30 23.85
CA TRP A 221 -7.35 4.04 23.47
C TRP A 221 -7.65 5.52 23.34
N ASP A 222 -6.62 6.35 23.50
CA ASP A 222 -6.75 7.79 23.36
C ASP A 222 -6.27 8.22 21.98
N PHE A 223 -5.20 7.60 21.48
CA PHE A 223 -4.64 7.97 20.18
C PHE A 223 -4.24 6.73 19.41
N VAL A 224 -4.31 6.84 18.09
CA VAL A 224 -3.80 5.85 17.17
C VAL A 224 -2.78 6.64 16.33
N ILE A 225 -1.53 6.16 16.27
CA ILE A 225 -0.50 6.80 15.47
C ILE A 225 -0.28 5.88 14.29
N THR A 226 -0.53 6.37 13.08
CA THR A 226 -0.40 5.50 11.92
C THR A 226 0.32 6.15 10.76
N THR A 227 0.91 5.30 9.92
CA THR A 227 1.51 5.69 8.66
C THR A 227 0.34 5.74 7.62
N ASP A 228 0.64 6.03 6.36
CA ASP A 228 -0.37 6.14 5.32
C ASP A 228 -1.12 4.85 5.01
N ILE A 229 -0.82 3.72 5.67
CA ILE A 229 -1.54 2.46 5.44
C ILE A 229 -3.02 2.54 5.86
N SER A 230 -3.33 3.38 6.85
CA SER A 230 -4.72 3.54 7.29
C SER A 230 -5.61 4.33 6.30
N GLU A 231 -5.04 4.80 5.17
CA GLU A 231 -5.79 5.46 4.09
C GLU A 231 -6.60 4.45 3.24
N MET A 232 -6.33 3.14 3.38
CA MET A 232 -6.92 2.10 2.57
C MET A 232 -8.08 1.32 3.23
N GLY A 233 -9.14 2.02 3.61
CA GLY A 233 -10.32 1.38 4.16
C GLY A 233 -10.40 1.15 5.66
N ALA A 234 -9.32 1.46 6.40
CA ALA A 234 -9.31 1.28 7.86
C ALA A 234 -10.32 2.19 8.56
N ASN A 235 -11.30 1.60 9.27
CA ASN A 235 -12.30 2.38 9.97
C ASN A 235 -11.99 2.45 11.46
N PHE A 236 -12.34 3.57 12.09
CA PHE A 236 -12.13 3.81 13.52
C PHE A 236 -13.37 4.50 14.09
N LYS A 237 -13.60 4.38 15.41
CA LYS A 237 -14.70 5.10 16.04
C LYS A 237 -14.01 6.26 16.71
N ALA A 238 -13.63 7.25 15.91
CA ALA A 238 -12.88 8.39 16.42
C ALA A 238 -13.58 9.73 16.11
N ASP A 239 -13.20 10.80 16.82
CA ASP A 239 -13.79 12.12 16.59
C ASP A 239 -12.79 13.17 16.12
N ARG A 240 -11.52 12.78 15.86
CA ARG A 240 -10.52 13.72 15.42
C ARG A 240 -9.40 13.08 14.62
N VAL A 241 -8.99 13.75 13.55
CA VAL A 241 -7.83 13.34 12.78
C VAL A 241 -6.82 14.46 12.87
N ILE A 242 -5.60 14.13 13.25
CA ILE A 242 -4.49 15.06 13.22
C ILE A 242 -3.65 14.56 12.04
N ASP A 243 -3.41 15.44 11.08
CA ASP A 243 -2.69 15.05 9.88
C ASP A 243 -1.49 15.94 9.67
N SER A 244 -0.29 15.37 9.75
CA SER A 244 0.93 16.11 9.46
C SER A 244 0.95 16.63 8.02
N ARG A 245 0.21 15.96 7.09
CA ARG A 245 0.18 16.24 5.66
C ARG A 245 1.54 15.90 5.00
N ARG A 246 2.32 15.00 5.64
CA ARG A 246 3.66 14.62 5.22
C ARG A 246 3.78 13.13 4.98
N CYS A 247 4.65 12.78 4.04
CA CYS A 247 4.90 11.39 3.67
C CYS A 247 6.37 11.22 3.26
N LEU A 248 6.87 9.99 3.29
CA LEU A 248 8.21 9.71 2.78
C LEU A 248 8.04 9.24 1.33
N LYS A 249 8.96 9.62 0.46
CA LYS A 249 8.86 9.27 -0.95
C LYS A 249 10.10 8.48 -1.43
N PRO A 250 9.96 7.21 -1.88
CA PRO A 250 11.13 6.52 -2.44
C PRO A 250 11.48 7.13 -3.80
N VAL A 251 12.77 7.47 -4.02
CA VAL A 251 13.26 8.09 -5.22
C VAL A 251 14.53 7.31 -5.72
N ILE A 252 14.61 7.01 -7.01
CA ILE A 252 15.75 6.33 -7.60
C ILE A 252 16.75 7.41 -8.08
N LEU A 253 17.94 7.50 -7.45
CA LEU A 253 18.99 8.46 -7.82
C LEU A 253 19.93 7.88 -8.87
N ASP A 254 20.04 8.53 -10.04
CA ASP A 254 20.91 8.13 -11.14
C ASP A 254 20.80 6.64 -11.55
N GLY A 255 19.63 6.05 -11.35
CA GLY A 255 19.35 4.65 -11.65
C GLY A 255 20.24 3.65 -10.91
N GLU A 256 20.86 4.11 -9.80
CA GLU A 256 21.89 3.38 -9.05
C GLU A 256 21.52 3.05 -7.58
N ARG A 257 20.64 3.84 -6.97
CA ARG A 257 20.26 3.63 -5.57
C ARG A 257 18.86 4.18 -5.29
N VAL A 258 18.24 3.78 -4.17
CA VAL A 258 16.92 4.29 -3.79
C VAL A 258 17.02 4.98 -2.45
N ILE A 259 16.50 6.22 -2.35
CA ILE A 259 16.49 6.92 -1.08
C ILE A 259 15.05 7.23 -0.64
N LEU A 260 14.84 7.38 0.67
CA LEU A 260 13.54 7.74 1.20
C LEU A 260 13.54 9.25 1.41
N ALA A 261 13.11 10.02 0.39
CA ALA A 261 13.15 11.47 0.40
C ALA A 261 12.02 12.08 1.21
N GLY A 262 12.26 13.26 1.73
CA GLY A 262 11.24 13.97 2.50
C GLY A 262 11.57 14.06 3.97
N PRO A 263 10.57 14.14 4.87
CA PRO A 263 9.12 14.16 4.64
C PRO A 263 8.70 15.28 3.70
N MET A 264 7.77 14.98 2.81
CA MET A 264 7.27 15.92 1.83
C MET A 264 5.75 15.90 1.77
N PRO A 265 5.09 16.88 1.12
CA PRO A 265 3.62 16.91 1.12
C PRO A 265 2.96 15.68 0.54
N VAL A 266 1.84 15.31 1.13
CA VAL A 266 1.02 14.23 0.61
C VAL A 266 0.29 14.72 -0.66
N THR A 267 -0.19 13.79 -1.50
CA THR A 267 -1.03 14.18 -2.63
C THR A 267 -2.44 14.56 -2.08
N HIS A 268 -3.27 15.19 -2.92
CA HIS A 268 -4.63 15.54 -2.53
C HIS A 268 -5.44 14.29 -2.21
N ALA A 269 -5.22 13.18 -2.97
CA ALA A 269 -5.92 11.92 -2.74
C ALA A 269 -5.65 11.38 -1.34
N SER A 270 -4.37 11.42 -0.89
CA SER A 270 -4.01 10.95 0.44
C SER A 270 -4.60 11.81 1.57
N ALA A 271 -4.58 13.13 1.40
CA ALA A 271 -5.14 14.06 2.40
C ALA A 271 -6.65 13.85 2.52
N ALA A 272 -7.35 13.64 1.39
CA ALA A 272 -8.80 13.39 1.41
C ALA A 272 -9.11 12.06 2.12
N GLN A 273 -8.29 11.02 1.88
CA GLN A 273 -8.45 9.70 2.51
C GLN A 273 -8.18 9.76 4.01
N ARG A 274 -7.20 10.57 4.44
CA ARG A 274 -6.83 10.74 5.85
C ARG A 274 -7.92 11.50 6.58
N ARG A 275 -8.39 12.61 6.00
CA ARG A 275 -9.53 13.36 6.53
C ARG A 275 -10.78 12.45 6.59
N GLY A 276 -10.93 11.59 5.58
CA GLY A 276 -12.05 10.66 5.42
C GLY A 276 -12.29 9.69 6.55
N ARG A 277 -11.27 9.45 7.44
CA ARG A 277 -11.44 8.55 8.61
C ARG A 277 -12.54 9.04 9.56
N ILE A 278 -12.82 10.37 9.58
CA ILE A 278 -13.84 10.93 10.46
C ILE A 278 -14.97 11.58 9.61
N GLY A 279 -16.04 12.03 10.28
CA GLY A 279 -17.21 12.59 9.63
C GLY A 279 -18.08 11.52 8.98
N ARG A 280 -17.92 10.24 9.40
CA ARG A 280 -18.62 9.10 8.82
C ARG A 280 -19.96 8.75 9.47
N ASN A 281 -20.25 9.31 10.65
CA ASN A 281 -21.51 9.05 11.33
C ASN A 281 -22.41 10.29 11.13
N PRO A 282 -23.53 10.18 10.39
CA PRO A 282 -24.41 11.36 10.21
C PRO A 282 -25.00 11.88 11.53
N ASN A 283 -25.01 11.06 12.59
CA ASN A 283 -25.52 11.47 13.90
C ASN A 283 -24.48 12.15 14.78
N LYS A 284 -23.19 12.20 14.36
CA LYS A 284 -22.17 12.88 15.15
C LYS A 284 -21.42 13.95 14.37
N PRO A 285 -22.06 15.12 14.17
CA PRO A 285 -21.39 16.21 13.45
C PRO A 285 -20.29 16.86 14.28
N GLY A 286 -19.41 17.59 13.60
CA GLY A 286 -18.34 18.30 14.28
C GLY A 286 -17.08 17.52 14.58
N ASP A 287 -16.83 16.38 13.87
CA ASP A 287 -15.53 15.68 14.03
C ASP A 287 -14.43 16.64 13.50
N GLU A 288 -13.24 16.60 14.08
CA GLU A 288 -12.21 17.57 13.72
C GLU A 288 -11.13 17.05 12.79
N TYR A 289 -10.68 17.90 11.86
CA TYR A 289 -9.59 17.57 10.96
C TYR A 289 -8.53 18.66 11.08
N MET A 290 -7.46 18.40 11.83
CA MET A 290 -6.36 19.34 12.01
C MET A 290 -5.26 19.00 11.06
N TYR A 291 -4.96 19.87 10.11
CA TYR A 291 -3.92 19.58 9.11
C TYR A 291 -2.74 20.54 9.24
N GLY A 292 -1.53 20.01 9.05
CA GLY A 292 -0.29 20.74 9.26
C GLY A 292 0.56 21.10 8.06
N GLY A 293 -0.05 21.26 6.90
CA GLY A 293 0.69 21.62 5.69
C GLY A 293 -0.17 21.50 4.45
N GLY A 294 0.39 21.84 3.31
CA GLY A 294 -0.33 21.76 2.05
C GLY A 294 -0.10 20.46 1.28
N CYS A 295 -0.79 20.33 0.14
CA CYS A 295 -0.71 19.18 -0.78
C CYS A 295 0.11 19.53 -2.00
N ALA A 296 0.71 18.53 -2.61
CA ALA A 296 1.47 18.68 -3.84
C ALA A 296 1.41 17.35 -4.61
N GLU A 297 1.77 17.35 -5.92
CA GLU A 297 1.71 16.10 -6.67
CA GLU A 297 1.76 16.17 -6.78
C GLU A 297 3.05 15.34 -6.56
N THR A 298 3.31 14.85 -5.33
CA THR A 298 4.52 14.09 -5.00
C THR A 298 4.52 12.65 -5.55
N ASP A 299 3.45 12.24 -6.27
CA ASP A 299 3.47 10.96 -6.95
C ASP A 299 4.31 11.03 -8.24
N GLU A 300 4.60 12.24 -8.77
CA GLU A 300 5.45 12.39 -9.96
C GLU A 300 6.89 12.08 -9.58
N GLY A 301 7.48 11.12 -10.27
CA GLY A 301 8.85 10.68 -10.03
C GLY A 301 9.04 9.75 -8.84
N HIS A 302 7.94 9.34 -8.22
CA HIS A 302 7.91 8.43 -7.08
C HIS A 302 8.33 7.02 -7.64
N ALA A 303 9.24 6.29 -6.96
CA ALA A 303 9.70 4.97 -7.46
C ALA A 303 8.60 3.92 -7.73
N HIS A 304 7.46 3.93 -6.98
CA HIS A 304 6.40 2.94 -7.18
C HIS A 304 5.91 2.83 -8.63
N TRP A 305 5.84 3.96 -9.38
CA TRP A 305 5.39 3.95 -10.78
C TRP A 305 6.39 3.24 -11.72
N LEU A 306 7.69 3.40 -11.48
CA LEU A 306 8.76 2.74 -12.21
C LEU A 306 8.71 1.25 -11.86
N GLU A 307 8.57 0.93 -10.56
CA GLU A 307 8.46 -0.43 -10.08
C GLU A 307 7.24 -1.16 -10.68
N ALA A 308 6.13 -0.45 -10.87
CA ALA A 308 4.94 -1.05 -11.48
C ALA A 308 5.21 -1.38 -12.95
N ARG A 309 5.99 -0.54 -13.64
CA ARG A 309 6.40 -0.84 -15.02
C ARG A 309 7.33 -2.07 -15.07
N MET A 310 8.17 -2.30 -14.04
CA MET A 310 9.04 -3.49 -13.96
C MET A 310 8.16 -4.75 -13.80
N LEU A 311 7.06 -4.65 -13.02
CA LEU A 311 6.12 -5.75 -12.83
C LEU A 311 5.37 -6.09 -14.15
N LEU A 312 4.70 -5.09 -14.76
CA LEU A 312 3.94 -5.27 -16.00
C LEU A 312 4.77 -5.74 -17.20
N ASP A 313 6.03 -5.30 -17.30
CA ASP A 313 6.93 -5.77 -18.36
C ASP A 313 7.19 -7.29 -18.25
N ASN A 314 7.03 -7.86 -17.05
CA ASN A 314 7.26 -9.29 -16.86
C ASN A 314 5.94 -10.08 -16.64
N ILE A 315 4.81 -9.53 -17.09
CA ILE A 315 3.53 -10.23 -17.02
C ILE A 315 3.10 -10.53 -18.46
N TYR A 316 2.73 -11.78 -18.73
CA TYR A 316 2.27 -12.17 -20.06
C TYR A 316 0.86 -11.62 -20.31
N LEU A 317 0.62 -11.04 -21.48
CA LEU A 317 -0.68 -10.47 -21.81
C LEU A 317 -1.19 -11.17 -23.07
N GLN A 318 -0.39 -11.18 -24.13
CA GLN A 318 -0.70 -11.80 -25.41
C GLN A 318 0.57 -11.71 -26.23
N ASP A 319 1.19 -12.84 -26.56
CA ASP A 319 2.45 -12.92 -27.30
C ASP A 319 3.53 -11.92 -26.73
N GLY A 320 3.94 -10.90 -27.49
CA GLY A 320 4.91 -9.92 -27.03
C GLY A 320 4.32 -8.63 -26.52
N LEU A 321 2.98 -8.56 -26.41
CA LEU A 321 2.28 -7.37 -25.94
C LEU A 321 2.47 -7.15 -24.46
N ILE A 322 2.62 -5.91 -24.08
CA ILE A 322 2.85 -5.54 -22.70
C ILE A 322 1.76 -4.57 -22.23
N ALA A 323 1.27 -4.76 -21.01
CA ALA A 323 0.23 -3.88 -20.47
C ALA A 323 0.78 -2.48 -20.21
N SER A 324 -0.02 -1.49 -20.50
CA SER A 324 0.31 -0.12 -20.22
C SER A 324 -0.25 0.23 -18.84
N LEU A 325 0.24 1.31 -18.22
CA LEU A 325 -0.34 1.80 -16.98
C LEU A 325 -1.71 2.44 -17.28
N TYR A 326 -2.60 2.47 -16.29
CA TYR A 326 -3.91 3.11 -16.37
C TYR A 326 -3.66 4.59 -16.71
N ARG A 327 -4.20 5.05 -17.86
CA ARG A 327 -4.00 6.36 -18.49
C ARG A 327 -3.89 7.57 -17.50
N PRO A 328 -4.78 7.83 -16.52
CA PRO A 328 -4.56 8.99 -15.63
C PRO A 328 -3.29 8.92 -14.76
N GLU A 329 -2.60 7.78 -14.74
CA GLU A 329 -1.38 7.68 -13.95
C GLU A 329 -0.14 7.31 -14.79
N ALA A 330 -0.27 7.24 -16.13
CA ALA A 330 0.82 6.85 -17.01
C ALA A 330 1.91 7.89 -17.19
N ASP A 331 1.63 9.17 -16.87
CA ASP A 331 2.67 10.22 -17.01
C ASP A 331 3.56 10.38 -15.76
N LYS A 332 3.31 9.59 -14.71
CA LYS A 332 4.09 9.68 -13.47
C LYS A 332 5.50 9.08 -13.58
N VAL A 333 5.81 8.42 -14.70
CA VAL A 333 7.11 7.82 -14.90
C VAL A 333 7.57 7.99 -16.34
N ALA A 334 8.86 8.29 -16.55
CA ALA A 334 9.39 8.40 -17.90
C ALA A 334 9.90 7.00 -18.21
N ALA A 335 9.04 6.15 -18.79
CA ALA A 335 9.43 4.77 -19.06
C ALA A 335 8.87 4.22 -20.36
N ILE A 336 9.66 3.37 -21.01
CA ILE A 336 9.37 2.70 -22.27
C ILE A 336 8.80 1.30 -21.97
N GLU A 337 7.62 0.98 -22.52
CA GLU A 337 7.00 -0.34 -22.32
C GLU A 337 7.92 -1.44 -22.90
N GLY A 338 8.31 -2.37 -22.04
CA GLY A 338 9.20 -3.46 -22.39
C GLY A 338 10.66 -3.30 -22.02
N GLU A 339 11.08 -2.11 -21.54
CA GLU A 339 12.50 -1.89 -21.23
C GLU A 339 13.00 -2.76 -20.06
N PHE A 340 12.07 -3.20 -19.16
CA PHE A 340 12.42 -4.07 -18.03
C PHE A 340 12.06 -5.55 -18.24
N LYS A 341 11.77 -5.95 -19.48
CA LYS A 341 11.42 -7.34 -19.78
C LYS A 341 12.64 -8.23 -19.57
N LEU A 342 12.52 -9.25 -18.73
CA LEU A 342 13.64 -10.13 -18.44
C LEU A 342 13.54 -11.47 -19.19
N ARG A 343 14.66 -12.18 -19.32
CA ARG A 343 14.64 -13.53 -19.89
C ARG A 343 14.05 -14.49 -18.82
N THR A 344 13.61 -15.68 -19.24
CA THR A 344 12.90 -16.64 -18.40
C THR A 344 13.58 -16.95 -17.05
N GLU A 345 14.88 -17.26 -17.04
CA GLU A 345 15.58 -17.58 -15.80
C GLU A 345 15.75 -16.38 -14.88
N GLN A 346 16.09 -15.22 -15.43
CA GLN A 346 16.21 -13.99 -14.65
C GLN A 346 14.83 -13.57 -14.10
N ARG A 347 13.77 -13.75 -14.88
CA ARG A 347 12.41 -13.40 -14.46
C ARG A 347 11.97 -14.25 -13.29
N LYS A 348 12.33 -15.55 -13.29
CA LYS A 348 12.05 -16.48 -12.20
C LYS A 348 12.77 -16.05 -10.93
N THR A 349 14.02 -15.59 -11.06
CA THR A 349 14.79 -15.04 -9.94
C THR A 349 14.10 -13.77 -9.37
N PHE A 350 13.69 -12.84 -10.26
CA PHE A 350 13.00 -11.58 -9.94
C PHE A 350 11.76 -11.87 -9.09
N VAL A 351 10.95 -12.86 -9.50
CA VAL A 351 9.74 -13.25 -8.77
C VAL A 351 10.11 -13.77 -7.37
N GLU A 352 11.06 -14.69 -7.30
CA GLU A 352 11.46 -15.27 -6.02
C GLU A 352 12.04 -14.25 -5.03
N LEU A 353 12.89 -13.32 -5.49
CA LEU A 353 13.44 -12.26 -4.64
C LEU A 353 12.31 -11.38 -4.03
N MET A 354 11.18 -11.26 -4.74
CA MET A 354 10.05 -10.49 -4.21
C MET A 354 9.19 -11.37 -3.31
N LYS A 355 8.76 -12.52 -3.80
CA LYS A 355 7.84 -13.44 -3.11
C LYS A 355 8.46 -14.05 -1.83
N ARG A 356 9.62 -14.69 -1.96
CA ARG A 356 10.30 -15.31 -0.84
C ARG A 356 11.31 -14.35 -0.17
N GLY A 357 12.11 -13.63 -0.95
CA GLY A 357 13.11 -12.73 -0.39
C GLY A 357 12.56 -11.51 0.34
N ASP A 358 11.33 -11.11 -0.01
CA ASP A 358 10.63 -9.94 0.52
C ASP A 358 11.36 -8.62 0.23
N LEU A 359 12.06 -8.55 -0.91
CA LEU A 359 12.79 -7.35 -1.27
C LEU A 359 11.93 -6.37 -2.07
N PRO A 360 12.22 -5.05 -2.00
CA PRO A 360 11.49 -4.11 -2.87
C PRO A 360 11.65 -4.49 -4.35
N VAL A 361 10.63 -4.18 -5.17
CA VAL A 361 10.67 -4.45 -6.62
C VAL A 361 11.99 -3.96 -7.31
N TRP A 362 12.37 -2.69 -7.09
CA TRP A 362 13.57 -2.12 -7.69
C TRP A 362 14.83 -2.91 -7.35
N LEU A 363 15.00 -3.30 -6.07
CA LEU A 363 16.18 -4.03 -5.63
C LEU A 363 16.21 -5.48 -6.21
N ALA A 364 15.05 -6.16 -6.28
CA ALA A 364 14.90 -7.49 -6.88
C ALA A 364 15.25 -7.43 -8.38
N TYR A 365 14.83 -6.36 -9.06
CA TYR A 365 15.15 -6.20 -10.47
C TYR A 365 16.67 -6.02 -10.66
N GLN A 366 17.35 -5.20 -9.81
CA GLN A 366 18.81 -5.03 -9.94
C GLN A 366 19.55 -6.34 -9.82
N VAL A 367 19.15 -7.17 -8.86
CA VAL A 367 19.81 -8.45 -8.63
C VAL A 367 19.56 -9.45 -9.75
N ALA A 368 18.29 -9.63 -10.15
CA ALA A 368 17.90 -10.56 -11.22
C ALA A 368 18.49 -10.20 -12.59
N SER A 369 18.48 -8.89 -12.96
CA SER A 369 19.02 -8.41 -14.23
C SER A 369 20.56 -8.53 -14.32
N ALA A 370 21.25 -8.62 -13.17
CA ALA A 370 22.71 -8.83 -13.12
C ALA A 370 23.09 -10.33 -13.31
N GLY A 371 22.11 -11.22 -13.46
CA GLY A 371 22.32 -12.64 -13.65
C GLY A 371 22.65 -13.40 -12.38
N ILE A 372 22.33 -12.84 -11.22
CA ILE A 372 22.56 -13.48 -9.94
C ILE A 372 21.38 -14.41 -9.59
N THR A 373 21.66 -15.59 -9.06
CA THR A 373 20.64 -16.56 -8.63
C THR A 373 20.12 -16.19 -7.25
N TYR A 374 18.88 -16.57 -6.97
CA TYR A 374 18.17 -16.25 -5.72
C TYR A 374 19.00 -16.45 -4.43
N THR A 375 19.64 -17.62 -4.31
CA THR A 375 20.38 -18.04 -3.12
C THR A 375 21.79 -17.46 -3.01
N ASP A 376 22.31 -16.82 -4.06
CA ASP A 376 23.66 -16.23 -4.05
C ASP A 376 23.64 -14.84 -3.40
N ARG A 377 24.16 -14.72 -2.17
CA ARG A 377 24.10 -13.49 -1.40
C ARG A 377 25.38 -12.66 -1.35
N ARG A 378 26.38 -12.94 -2.21
CA ARG A 378 27.63 -12.18 -2.24
C ARG A 378 27.43 -10.67 -2.47
N TRP A 379 26.44 -10.31 -3.28
CA TRP A 379 26.08 -8.92 -3.54
C TRP A 379 25.72 -8.16 -2.26
N CYS A 380 25.22 -8.85 -1.19
CA CYS A 380 24.90 -8.13 0.06
C CYS A 380 26.16 -7.61 0.77
N PHE A 381 27.35 -8.05 0.35
CA PHE A 381 28.60 -7.69 1.03
C PHE A 381 29.68 -7.05 0.15
N ASP A 382 29.47 -6.94 -1.17
CA ASP A 382 30.54 -6.43 -2.03
C ASP A 382 30.30 -5.05 -2.67
N GLY A 383 29.48 -4.22 -2.03
CA GLY A 383 29.26 -2.86 -2.52
C GLY A 383 30.36 -1.91 -2.05
N THR A 384 30.32 -0.64 -2.51
CA THR A 384 31.29 0.36 -2.06
C THR A 384 31.07 0.69 -0.58
N THR A 385 32.09 1.27 0.07
CA THR A 385 32.04 1.67 1.47
C THR A 385 30.86 2.64 1.78
N ASN A 386 30.48 3.50 0.81
CA ASN A 386 29.35 4.41 1.01
C ASN A 386 28.00 3.70 1.05
N ASN A 387 27.96 2.37 0.72
CA ASN A 387 26.74 1.58 0.81
C ASN A 387 26.61 0.80 2.13
N THR A 388 27.55 0.99 3.08
CA THR A 388 27.52 0.33 4.39
C THR A 388 26.23 0.66 5.11
N ILE A 389 25.45 -0.36 5.47
CA ILE A 389 24.21 -0.11 6.19
C ILE A 389 24.58 0.13 7.66
N MET A 390 24.09 1.23 8.23
CA MET A 390 24.41 1.58 9.61
C MET A 390 23.29 1.22 10.56
N GLU A 391 23.64 0.65 11.71
CA GLU A 391 22.67 0.29 12.74
CA GLU A 391 22.68 0.27 12.74
C GLU A 391 23.09 0.96 14.04
N ASP A 392 22.34 1.99 14.47
CA ASP A 392 22.65 2.74 15.69
C ASP A 392 24.03 3.39 15.61
N SER A 393 24.29 4.07 14.48
CA SER A 393 25.53 4.80 14.18
C SER A 393 26.78 3.93 14.04
N VAL A 394 26.64 2.61 13.94
CA VAL A 394 27.79 1.72 13.76
C VAL A 394 27.48 0.70 12.64
N PRO A 395 28.44 0.36 11.74
CA PRO A 395 28.12 -0.60 10.66
C PRO A 395 27.39 -1.87 11.07
N ALA A 396 26.30 -2.23 10.36
CA ALA A 396 25.53 -3.45 10.68
C ALA A 396 26.32 -4.67 10.27
N GLU A 397 26.31 -5.70 11.11
CA GLU A 397 27.09 -6.92 10.85
C GLU A 397 26.23 -8.15 10.91
N VAL A 398 26.47 -9.12 10.01
CA VAL A 398 25.76 -10.39 10.01
C VAL A 398 26.74 -11.58 9.90
N TRP A 399 26.29 -12.75 10.36
CA TRP A 399 27.04 -13.96 10.19
C TRP A 399 26.55 -14.56 8.89
N THR A 400 27.43 -14.69 7.91
CA THR A 400 27.06 -15.28 6.61
C THR A 400 26.82 -16.81 6.73
N LYS A 401 26.22 -17.42 5.69
CA LYS A 401 26.00 -18.87 5.61
C LYS A 401 27.32 -19.66 5.70
N TYR A 402 28.46 -19.03 5.37
CA TYR A 402 29.80 -19.61 5.50
C TYR A 402 30.37 -19.60 6.93
N GLY A 403 29.69 -18.90 7.84
CA GLY A 403 30.09 -18.85 9.24
C GLY A 403 31.02 -17.71 9.58
N GLU A 404 31.16 -16.73 8.69
CA GLU A 404 32.01 -15.56 8.89
C GLU A 404 31.22 -14.33 9.31
N LYS A 405 31.87 -13.36 9.97
CA LYS A 405 31.21 -12.12 10.38
C LYS A 405 31.55 -11.06 9.35
N ARG A 406 30.55 -10.48 8.69
CA ARG A 406 30.81 -9.47 7.67
C ARG A 406 29.91 -8.23 7.81
N VAL A 407 30.44 -7.08 7.37
CA VAL A 407 29.73 -5.79 7.37
C VAL A 407 28.74 -5.85 6.22
N LEU A 408 27.50 -5.49 6.49
CA LEU A 408 26.44 -5.44 5.50
C LEU A 408 26.72 -4.23 4.61
N LYS A 409 27.03 -4.48 3.35
CA LYS A 409 27.45 -3.43 2.43
C LYS A 409 26.95 -3.81 1.06
N PRO A 410 25.65 -3.62 0.77
CA PRO A 410 25.12 -4.14 -0.50
C PRO A 410 25.59 -3.43 -1.75
N ARG A 411 25.74 -4.19 -2.85
CA ARG A 411 26.15 -3.66 -4.13
C ARG A 411 25.14 -2.58 -4.61
N TRP A 412 23.83 -2.81 -4.39
CA TRP A 412 22.77 -1.84 -4.69
C TRP A 412 22.15 -1.45 -3.38
N MET A 413 22.02 -0.16 -3.14
CA MET A 413 21.50 0.34 -1.89
C MET A 413 20.03 0.82 -2.02
N ASP A 414 19.11 0.20 -1.28
CA ASP A 414 17.71 0.60 -1.29
C ASP A 414 17.37 0.87 0.15
N ALA A 415 17.15 2.15 0.49
CA ALA A 415 16.85 2.60 1.84
C ALA A 415 15.69 1.90 2.53
N ARG A 416 14.75 1.32 1.77
CA ARG A 416 13.60 0.62 2.34
C ARG A 416 13.97 -0.64 3.13
N VAL A 417 15.13 -1.23 2.85
CA VAL A 417 15.57 -2.44 3.57
C VAL A 417 16.13 -2.15 4.96
N CYS A 418 16.35 -0.87 5.31
CA CYS A 418 16.92 -0.49 6.63
C CYS A 418 16.32 0.81 7.15
N SER A 419 15.04 1.06 6.83
CA SER A 419 14.29 2.26 7.23
C SER A 419 13.77 2.21 8.67
N ASP A 420 13.76 1.03 9.28
CA ASP A 420 13.34 0.80 10.65
C ASP A 420 13.96 -0.51 11.15
N HIS A 421 13.83 -0.80 12.46
CA HIS A 421 14.39 -2.01 13.05
C HIS A 421 13.90 -3.29 12.36
N ALA A 422 12.57 -3.43 12.12
CA ALA A 422 12.01 -4.64 11.52
C ALA A 422 12.49 -4.87 10.08
N ALA A 423 12.57 -3.80 9.26
CA ALA A 423 13.07 -3.93 7.89
C ALA A 423 14.56 -4.41 7.92
N LEU A 424 15.44 -3.74 8.71
CA LEU A 424 16.84 -4.12 8.84
C LEU A 424 17.02 -5.55 9.38
N LYS A 425 16.19 -5.96 10.37
CA LYS A 425 16.25 -7.32 10.91
C LYS A 425 15.96 -8.33 9.79
N SER A 426 14.94 -8.06 8.97
CA SER A 426 14.58 -8.94 7.86
C SER A 426 15.70 -8.99 6.79
N PHE A 427 16.34 -7.84 6.49
CA PHE A 427 17.41 -7.82 5.49
C PHE A 427 18.68 -8.51 5.99
N LYS A 428 18.93 -8.49 7.32
CA LYS A 428 20.07 -9.20 7.88
C LYS A 428 19.87 -10.71 7.69
N GLU A 429 18.66 -11.20 7.98
CA GLU A 429 18.30 -12.61 7.76
C GLU A 429 18.48 -13.02 6.29
N PHE A 430 18.09 -12.14 5.35
CA PHE A 430 18.28 -12.41 3.93
C PHE A 430 19.77 -12.52 3.59
N ALA A 431 20.57 -11.54 4.03
CA ALA A 431 22.01 -11.53 3.77
C ALA A 431 22.74 -12.73 4.38
N ALA A 432 22.19 -13.28 5.48
CA ALA A 432 22.74 -14.43 6.17
C ALA A 432 22.38 -15.78 5.53
N GLY A 433 21.53 -15.78 4.51
CA GLY A 433 21.04 -16.96 3.83
C GLY A 433 19.95 -17.67 4.62
N LYS A 434 19.23 -16.95 5.48
CA LYS A 434 18.21 -17.58 6.33
C LYS A 434 16.83 -17.69 5.65
N ARG A 435 16.67 -17.18 4.42
CA ARG A 435 15.45 -17.42 3.66
C ARG A 435 15.68 -17.28 2.13
#